data_5MXC
#
_entry.id   5MXC
#
_cell.length_a   132.250
_cell.length_b   48.630
_cell.length_c   57.580
_cell.angle_alpha   90.00
_cell.angle_beta   103.19
_cell.angle_gamma   90.00
#
_symmetry.space_group_name_H-M   'C 1 2 1'
#
loop_
_entity.id
_entity.type
_entity.pdbx_description
1 polymer 'Fucose-specific lectin'
2 non-polymer 'methyl alpha-L-fucopyranoside'
3 non-polymer GLYCEROL
4 water water
#
_entity_poly.entity_id   1
_entity_poly.type   'polypeptide(L)'
_entity_poly.pdbx_seq_one_letter_code
;MPTEFLYTSKIAAISWAATGGRQQRVYFQDLNGKIREAQRGGDNPWTGGSSQNVIGEAKLFSPLAAVTWKSAQGIQIRVY
CVNKDNILSEFVYDGSKWITGQLGSVGVKVGSNSKLAALQWGGSESAPPNIRVYYQKSNGSGSSIHEYVWSGKWTAGASF
GSTVPGTGIGATAIGPGRLRIYYQATDNKIREHCWDSNSWYVGGFSASASAGVSIAAISWGSTPQIRVYWQKGREELYEA
AYGGSWNTPGQIKDASRPTPSLPDTFIAANSSGNIDISVFFQASGVSLQQWQWISGKGWSIGAVVPTGTPAGWLEHHHHH
HHHHH
;
_entity_poly.pdbx_strand_id   A
#
loop_
_chem_comp.id
_chem_comp.type
_chem_comp.name
_chem_comp.formula
GOL non-polymer GLYCEROL 'C3 H8 O3'
MFU L-saccharide 'methyl alpha-L-fucopyranoside' 'C7 H14 O5'
#
# COMPACT_ATOMS: atom_id res chain seq x y z
N PRO A 2 6.79 -11.49 22.26
CA PRO A 2 5.70 -10.81 21.57
C PRO A 2 6.14 -9.42 21.15
N THR A 3 5.30 -8.78 20.35
CA THR A 3 5.56 -7.40 19.89
C THR A 3 4.32 -6.55 20.08
N GLU A 4 4.44 -5.28 19.69
CA GLU A 4 3.31 -4.36 19.74
C GLU A 4 2.58 -4.22 18.41
N PHE A 5 2.89 -5.09 17.43
CA PHE A 5 2.22 -5.08 16.12
C PHE A 5 0.82 -5.69 16.27
N LEU A 6 -0.21 -4.93 15.97
CA LEU A 6 -1.58 -5.44 16.06
C LEU A 6 -1.80 -6.56 15.05
N TYR A 7 -2.27 -7.71 15.51
CA TYR A 7 -2.55 -8.81 14.60
C TYR A 7 -3.71 -8.44 13.69
N THR A 8 -3.51 -8.63 12.38
CA THR A 8 -4.44 -8.20 11.31
C THR A 8 -4.48 -6.68 11.12
N SER A 9 -3.47 -5.97 11.64
CA SER A 9 -3.22 -4.60 11.20
C SER A 9 -3.04 -4.57 9.70
N LYS A 10 -3.55 -3.52 9.06
CA LYS A 10 -3.14 -3.23 7.70
C LYS A 10 -1.71 -2.67 7.71
N ILE A 11 -1.11 -2.62 6.52
CA ILE A 11 0.27 -2.17 6.35
C ILE A 11 0.29 -1.21 5.17
N ALA A 12 1.15 -0.19 5.23
CA ALA A 12 1.41 0.68 4.07
C ALA A 12 2.90 0.91 3.98
N ALA A 13 3.42 1.07 2.77
CA ALA A 13 4.86 1.22 2.59
C ALA A 13 5.19 2.14 1.44
N ILE A 14 6.33 2.84 1.59
CA ILE A 14 6.87 3.74 0.58
C ILE A 14 8.37 3.57 0.47
N SER A 15 8.92 4.04 -0.63
CA SER A 15 10.35 3.96 -0.90
C SER A 15 10.76 5.09 -1.83
N TRP A 16 11.97 5.59 -1.67
CA TRP A 16 12.52 6.54 -2.64
C TRP A 16 14.02 6.39 -2.74
N ALA A 17 14.56 6.77 -3.90
N ALA A 17 14.51 6.71 -3.94
CA ALA A 17 16.02 6.73 -4.12
CA ALA A 17 15.92 6.72 -4.23
C ALA A 17 16.73 7.77 -3.25
C ALA A 17 16.50 8.00 -3.65
N ALA A 18 17.90 7.44 -2.75
N ALA A 18 17.70 7.88 -3.12
CA ALA A 18 18.63 8.41 -1.94
CA ALA A 18 18.43 8.98 -2.52
C ALA A 18 20.13 8.20 -2.01
C ALA A 18 19.91 8.70 -2.73
N THR A 19 20.86 9.30 -2.13
N THR A 19 20.70 9.75 -2.99
CA THR A 19 22.31 9.22 -2.16
CA THR A 19 22.13 9.59 -3.21
C THR A 19 22.70 8.56 -0.85
C THR A 19 22.75 8.69 -2.14
N GLY A 20 23.36 7.43 -0.95
N GLY A 20 22.47 9.02 -0.88
CA GLY A 20 23.81 6.69 0.22
CA GLY A 20 22.98 8.24 0.23
C GLY A 20 22.98 5.47 0.47
C GLY A 20 22.40 6.85 0.28
N GLY A 21 21.89 5.33 -0.29
N GLY A 21 21.46 6.57 -0.61
CA GLY A 21 21.04 4.17 -0.14
CA GLY A 21 20.85 5.25 -0.70
C GLY A 21 19.55 4.48 -0.13
C GLY A 21 19.32 5.25 -0.61
N ARG A 22 18.80 3.61 -0.74
N ARG A 22 18.74 4.13 -1.01
CA ARG A 22 17.35 3.75 -0.83
CA ARG A 22 17.29 3.87 -0.93
C ARG A 22 16.70 3.95 0.54
C ARG A 22 16.73 4.01 0.49
N GLN A 23 15.73 4.88 0.63
CA GLN A 23 15.01 5.10 1.90
C GLN A 23 13.65 4.41 1.80
N GLN A 24 13.31 3.65 2.85
CA GLN A 24 11.98 3.03 2.95
C GLN A 24 11.33 3.45 4.23
N ARG A 25 10.00 3.59 4.18
CA ARG A 25 9.20 3.72 5.41
C ARG A 25 8.05 2.72 5.32
N VAL A 26 7.74 2.11 6.47
CA VAL A 26 6.59 1.22 6.55
C VAL A 26 5.75 1.64 7.77
N TYR A 27 4.43 1.58 7.58
CA TYR A 27 3.43 2.02 8.53
C TYR A 27 2.56 0.85 8.93
N PHE A 28 2.27 0.75 10.23
CA PHE A 28 1.46 -0.34 10.77
C PHE A 28 0.79 0.19 12.03
N GLN A 29 -0.19 -0.55 12.53
CA GLN A 29 -0.90 -0.16 13.73
C GLN A 29 -0.44 -0.97 14.93
N ASP A 30 -0.38 -0.29 16.07
CA ASP A 30 -0.03 -0.93 17.33
C ASP A 30 -1.27 -1.32 18.13
N LEU A 31 -1.05 -1.93 19.28
CA LEU A 31 -2.16 -2.43 20.11
C LEU A 31 -3.04 -1.34 20.65
N ASN A 32 -2.49 -0.12 20.73
CA ASN A 32 -3.22 1.07 21.19
C ASN A 32 -3.93 1.82 20.08
N GLY A 33 -3.85 1.35 18.84
CA GLY A 33 -4.47 2.03 17.73
C GLY A 33 -3.63 3.11 17.08
N LYS A 34 -2.41 3.34 17.58
CA LYS A 34 -1.56 4.34 16.96
CA LYS A 34 -1.52 4.32 16.98
C LYS A 34 -0.95 3.76 15.69
N ILE A 35 -0.66 4.66 14.74
CA ILE A 35 0.06 4.30 13.54
CA ILE A 35 0.06 4.30 13.54
C ILE A 35 1.53 4.60 13.79
N ARG A 36 2.37 3.57 13.65
CA ARG A 36 3.80 3.68 13.84
C ARG A 36 4.54 3.59 12.51
N GLU A 37 5.74 4.15 12.51
CA GLU A 37 6.64 4.10 11.35
C GLU A 37 7.91 3.35 11.71
N ALA A 38 8.38 2.53 10.78
CA ALA A 38 9.75 2.00 10.80
C ALA A 38 10.46 2.52 9.54
N GLN A 39 11.80 2.64 9.63
CA GLN A 39 12.61 3.27 8.57
C GLN A 39 13.76 2.38 8.20
N ARG A 40 14.15 2.44 6.93
CA ARG A 40 15.39 1.78 6.47
C ARG A 40 16.13 2.68 5.50
N GLY A 41 17.44 2.77 5.69
CA GLY A 41 18.33 3.43 4.73
C GLY A 41 19.28 2.40 4.15
N GLY A 42 19.25 2.24 2.84
CA GLY A 42 20.09 1.26 2.16
C GLY A 42 19.85 -0.13 2.71
N ASP A 43 20.90 -0.88 2.97
CA ASP A 43 20.74 -2.22 3.57
C ASP A 43 21.14 -2.23 5.05
N ASN A 44 21.20 -1.05 5.66
CA ASN A 44 21.40 -0.96 7.12
C ASN A 44 20.20 -1.55 7.85
N PRO A 45 20.38 -1.93 9.11
CA PRO A 45 19.23 -2.47 9.84
C PRO A 45 18.03 -1.50 9.89
N TRP A 46 16.83 -2.07 9.84
CA TRP A 46 15.62 -1.27 10.07
C TRP A 46 15.68 -0.58 11.44
N THR A 47 15.18 0.64 11.52
CA THR A 47 15.01 1.37 12.77
C THR A 47 13.53 1.64 13.00
N GLY A 48 13.21 2.16 14.18
CA GLY A 48 11.87 2.62 14.50
C GLY A 48 10.94 1.50 14.94
N GLY A 49 9.65 1.70 14.67
CA GLY A 49 8.62 0.75 15.05
C GLY A 49 8.22 0.72 16.52
N SER A 50 8.79 1.62 17.33
CA SER A 50 8.52 1.64 18.78
C SER A 50 7.45 2.65 19.12
N SER A 51 7.12 2.74 20.40
CA SER A 51 6.17 3.73 20.89
C SER A 51 6.65 5.19 20.69
N GLN A 52 7.94 5.37 20.44
CA GLN A 52 8.49 6.68 20.09
C GLN A 52 8.41 7.02 18.60
N ASN A 53 7.78 6.14 17.80
CA ASN A 53 7.68 6.32 16.35
C ASN A 53 6.23 6.43 15.89
N VAL A 54 5.38 7.03 16.71
CA VAL A 54 3.99 7.24 16.37
C VAL A 54 3.85 8.46 15.45
N ILE A 55 3.13 8.29 14.34
CA ILE A 55 2.90 9.36 13.36
C ILE A 55 1.44 9.78 13.31
N GLY A 56 0.55 9.01 13.93
CA GLY A 56 -0.88 9.30 13.89
C GLY A 56 -1.63 8.22 14.64
N GLU A 57 -2.95 8.21 14.46
CA GLU A 57 -3.79 7.19 15.08
CA GLU A 57 -3.84 7.26 15.14
C GLU A 57 -5.05 7.03 14.27
N ALA A 58 -5.74 5.91 14.46
CA ALA A 58 -6.88 5.58 13.64
C ALA A 58 -7.74 4.58 14.41
N LYS A 59 -8.93 4.27 13.89
CA LYS A 59 -9.71 3.23 14.55
C LYS A 59 -8.90 1.95 14.56
N LEU A 60 -9.14 1.10 15.56
CA LEU A 60 -8.46 -0.20 15.57
C LEU A 60 -8.83 -0.95 14.29
N PHE A 61 -7.82 -1.58 13.69
CA PHE A 61 -7.95 -2.35 12.44
C PHE A 61 -8.30 -1.44 11.25
N SER A 62 -7.94 -0.15 11.36
CA SER A 62 -8.13 0.78 10.25
C SER A 62 -7.38 0.31 9.01
N PRO A 63 -7.97 0.51 7.82
CA PRO A 63 -7.16 0.37 6.62
C PRO A 63 -6.09 1.47 6.56
N LEU A 64 -5.06 1.23 5.76
CA LEU A 64 -3.95 2.16 5.61
C LEU A 64 -3.51 2.23 4.15
N ALA A 65 -2.99 3.39 3.75
CA ALA A 65 -2.32 3.56 2.46
C ALA A 65 -1.34 4.72 2.63
N ALA A 66 -0.35 4.82 1.75
CA ALA A 66 0.62 5.90 1.86
C ALA A 66 1.25 6.21 0.53
N VAL A 67 1.64 7.48 0.34
CA VAL A 67 2.38 7.95 -0.83
C VAL A 67 3.46 8.92 -0.37
N THR A 68 4.42 9.16 -1.26
CA THR A 68 5.52 10.10 -1.00
C THR A 68 5.99 10.75 -2.27
N TRP A 69 6.56 11.95 -2.13
CA TRP A 69 7.27 12.64 -3.21
C TRP A 69 8.22 13.63 -2.54
N LYS A 70 9.13 14.20 -3.34
CA LYS A 70 10.05 15.21 -2.83
CA LYS A 70 10.08 15.21 -2.87
C LYS A 70 9.56 16.59 -3.25
N SER A 71 9.61 17.52 -2.30
CA SER A 71 9.17 18.89 -2.55
C SER A 71 10.25 19.85 -2.13
N ALA A 72 10.00 21.12 -2.39
CA ALA A 72 10.94 22.14 -1.98
C ALA A 72 11.10 22.21 -0.45
N GLN A 73 10.10 21.71 0.30
CA GLN A 73 10.09 21.70 1.75
CA GLN A 73 10.14 21.71 1.77
C GLN A 73 10.72 20.42 2.34
N GLY A 74 11.08 19.47 1.49
CA GLY A 74 11.65 18.19 1.92
C GLY A 74 10.79 17.03 1.47
N ILE A 75 11.02 15.88 2.08
CA ILE A 75 10.27 14.68 1.76
C ILE A 75 8.84 14.86 2.28
N GLN A 76 7.88 14.69 1.37
CA GLN A 76 6.46 14.72 1.73
CA GLN A 76 6.46 14.71 1.69
C GLN A 76 5.95 13.29 1.84
N ILE A 77 5.22 12.99 2.92
CA ILE A 77 4.56 11.70 3.08
C ILE A 77 3.10 11.96 3.43
N ARG A 78 2.20 11.17 2.88
CA ARG A 78 0.80 11.19 3.27
C ARG A 78 0.39 9.78 3.63
N VAL A 79 -0.20 9.61 4.82
CA VAL A 79 -0.69 8.31 5.29
C VAL A 79 -2.20 8.42 5.47
N TYR A 80 -2.94 7.57 4.75
CA TYR A 80 -4.40 7.54 4.78
C TYR A 80 -4.89 6.45 5.70
N CYS A 81 -5.99 6.74 6.40
CA CYS A 81 -6.55 5.83 7.40
C CYS A 81 -7.99 6.25 7.61
N VAL A 82 -8.67 5.62 8.59
CA VAL A 82 -10.01 6.12 8.97
CA VAL A 82 -10.04 5.92 8.93
C VAL A 82 -10.11 6.19 10.46
N ASN A 83 -10.88 7.19 10.88
CA ASN A 83 -11.06 7.44 12.31
C ASN A 83 -12.19 6.56 12.88
N LYS A 84 -12.51 6.79 14.16
CA LYS A 84 -13.48 5.95 14.87
CA LYS A 84 -13.49 5.93 14.84
C LYS A 84 -14.92 6.15 14.36
N ASP A 85 -15.14 7.23 13.60
CA ASP A 85 -16.42 7.49 12.95
C ASP A 85 -16.41 7.07 11.47
N ASN A 86 -15.41 6.28 11.09
CA ASN A 86 -15.27 5.83 9.71
C ASN A 86 -15.15 6.96 8.70
N ILE A 87 -14.49 8.03 9.11
CA ILE A 87 -14.21 9.15 8.21
C ILE A 87 -12.78 9.03 7.71
N LEU A 88 -12.63 9.13 6.40
CA LEU A 88 -11.32 9.07 5.73
C LEU A 88 -10.44 10.20 6.24
N SER A 89 -9.24 9.83 6.71
CA SER A 89 -8.36 10.76 7.40
C SER A 89 -6.94 10.64 6.87
N GLU A 90 -6.11 11.63 7.19
CA GLU A 90 -4.78 11.75 6.59
C GLU A 90 -3.80 12.34 7.59
N PHE A 91 -2.64 11.71 7.68
CA PHE A 91 -1.49 12.28 8.39
C PHE A 91 -0.45 12.70 7.37
N VAL A 92 0.15 13.86 7.65
CA VAL A 92 1.07 14.54 6.76
C VAL A 92 2.45 14.61 7.40
N TYR A 93 3.48 14.17 6.68
CA TYR A 93 4.86 14.57 7.00
C TYR A 93 5.16 15.66 5.99
N ASP A 94 5.39 16.87 6.50
CA ASP A 94 5.46 18.07 5.65
C ASP A 94 6.90 18.43 5.25
N GLY A 95 7.82 17.50 5.39
CA GLY A 95 9.24 17.77 5.16
C GLY A 95 10.03 17.92 6.44
N SER A 96 9.34 18.27 7.53
CA SER A 96 10.01 18.39 8.82
CA SER A 96 9.95 18.53 8.84
C SER A 96 9.26 17.82 10.01
N LYS A 97 7.93 17.70 9.94
CA LYS A 97 7.16 17.20 11.07
C LYS A 97 5.88 16.51 10.61
N TRP A 98 5.33 15.71 11.52
CA TRP A 98 4.05 15.05 11.31
C TRP A 98 2.91 15.87 11.89
N ILE A 99 1.87 16.11 11.09
CA ILE A 99 0.68 16.82 11.50
C ILE A 99 -0.55 16.11 10.91
N THR A 100 -1.73 16.56 11.29
CA THR A 100 -2.98 16.07 10.68
C THR A 100 -3.23 16.83 9.39
N GLY A 101 -3.52 16.09 8.30
CA GLY A 101 -3.80 16.69 7.01
C GLY A 101 -5.23 17.13 6.84
N GLN A 102 -5.48 17.80 5.73
CA GLN A 102 -6.78 18.40 5.46
C GLN A 102 -7.88 17.40 5.05
N LEU A 103 -7.54 16.18 4.64
CA LEU A 103 -8.58 15.31 4.07
C LEU A 103 -9.69 14.97 5.07
N GLY A 104 -9.35 14.78 6.34
CA GLY A 104 -10.35 14.44 7.35
C GLY A 104 -11.48 15.43 7.47
N SER A 105 -11.22 16.70 7.20
CA SER A 105 -12.25 17.72 7.29
CA SER A 105 -12.21 17.77 7.25
C SER A 105 -13.27 17.67 6.16
N VAL A 106 -13.00 16.91 5.10
CA VAL A 106 -13.92 16.82 3.97
C VAL A 106 -15.19 16.06 4.32
N GLY A 107 -15.10 15.03 5.16
CA GLY A 107 -16.27 14.24 5.53
C GLY A 107 -16.58 13.11 4.58
N VAL A 108 -15.55 12.37 4.16
CA VAL A 108 -15.74 11.20 3.31
C VAL A 108 -15.96 9.97 4.21
N LYS A 109 -17.19 9.45 4.19
N LYS A 109 -17.19 9.43 4.20
CA LYS A 109 -17.52 8.23 4.93
CA LYS A 109 -17.52 8.27 5.03
C LYS A 109 -17.01 7.02 4.18
C LYS A 109 -17.20 6.97 4.30
N VAL A 110 -16.45 6.08 4.95
CA VAL A 110 -15.86 4.87 4.43
CA VAL A 110 -16.00 4.86 4.33
C VAL A 110 -16.62 3.67 5.03
N GLY A 111 -16.87 2.62 4.24
CA GLY A 111 -17.46 1.39 4.80
C GLY A 111 -16.52 0.82 5.86
N SER A 112 -17.09 0.25 6.91
CA SER A 112 -16.26 -0.15 8.04
C SER A 112 -15.18 -1.18 7.66
N ASN A 113 -15.47 -2.05 6.69
CA ASN A 113 -14.51 -3.06 6.26
C ASN A 113 -13.76 -2.68 4.97
N SER A 114 -13.84 -1.41 4.56
CA SER A 114 -13.15 -1.01 3.37
C SER A 114 -11.64 -1.11 3.53
N LYS A 115 -10.96 -1.43 2.44
CA LYS A 115 -9.52 -1.22 2.35
C LYS A 115 -9.27 0.16 1.74
N LEU A 116 -8.00 0.58 1.75
CA LEU A 116 -7.60 1.84 1.14
C LEU A 116 -6.42 1.62 0.22
N ALA A 117 -6.38 2.36 -0.88
CA ALA A 117 -5.19 2.42 -1.70
C ALA A 117 -4.97 3.87 -2.09
N ALA A 118 -3.73 4.20 -2.46
CA ALA A 118 -3.42 5.56 -2.89
C ALA A 118 -2.30 5.53 -3.90
N LEU A 119 -2.29 6.53 -4.76
CA LEU A 119 -1.23 6.75 -5.71
C LEU A 119 -0.94 8.24 -5.81
N GLN A 120 0.20 8.55 -6.40
CA GLN A 120 0.61 9.94 -6.60
C GLN A 120 1.47 10.03 -7.84
N TRP A 121 1.34 11.13 -8.58
CA TRP A 121 2.32 11.43 -9.63
C TRP A 121 2.51 12.95 -9.73
N GLY A 122 3.70 13.28 -10.22
CA GLY A 122 4.04 14.65 -10.63
C GLY A 122 4.70 15.50 -9.58
N GLY A 123 4.51 15.21 -8.29
CA GLY A 123 5.08 16.06 -7.25
C GLY A 123 6.60 16.05 -7.29
N SER A 124 7.17 17.26 -7.23
CA SER A 124 8.62 17.44 -7.27
C SER A 124 8.94 18.81 -6.71
N GLU A 125 10.21 19.18 -6.78
CA GLU A 125 10.64 20.52 -6.41
C GLU A 125 10.28 21.58 -7.44
N SER A 126 9.68 21.19 -8.58
CA SER A 126 9.25 22.16 -9.60
CA SER A 126 9.27 22.13 -9.62
C SER A 126 7.84 21.89 -10.14
N ALA A 127 7.06 21.04 -9.46
CA ALA A 127 5.70 20.73 -9.92
C ALA A 127 4.88 20.21 -8.75
N PRO A 128 3.56 20.45 -8.76
CA PRO A 128 2.74 20.05 -7.64
C PRO A 128 2.37 18.57 -7.69
N PRO A 129 2.03 17.99 -6.53
CA PRO A 129 1.61 16.59 -6.49
C PRO A 129 0.18 16.40 -6.99
N ASN A 130 -0.09 15.18 -7.46
CA ASN A 130 -1.45 14.76 -7.80
C ASN A 130 -1.69 13.45 -7.07
N ILE A 131 -2.63 13.44 -6.13
CA ILE A 131 -2.89 12.27 -5.28
C ILE A 131 -4.26 11.73 -5.62
N ARG A 132 -4.38 10.41 -5.59
CA ARG A 132 -5.71 9.76 -5.72
C ARG A 132 -5.81 8.71 -4.62
N VAL A 133 -6.94 8.69 -3.93
CA VAL A 133 -7.20 7.77 -2.83
CA VAL A 133 -7.18 7.74 -2.86
C VAL A 133 -8.44 6.95 -3.19
N TYR A 134 -8.37 5.63 -3.01
CA TYR A 134 -9.43 4.71 -3.37
C TYR A 134 -9.96 4.01 -2.14
N TYR A 135 -11.28 3.91 -2.06
CA TYR A 135 -11.98 3.43 -0.88
C TYR A 135 -13.34 2.89 -1.29
N GLN A 136 -14.03 2.23 -0.35
CA GLN A 136 -15.41 1.79 -0.57
C GLN A 136 -16.31 2.42 0.48
N LYS A 137 -17.56 2.67 0.08
CA LYS A 137 -18.60 3.19 0.95
CA LYS A 137 -18.59 3.21 0.96
C LYS A 137 -19.39 2.09 1.65
N SER A 138 -19.48 0.93 1.02
CA SER A 138 -20.32 -0.18 1.50
CA SER A 138 -20.32 -0.17 1.49
CA SER A 138 -20.30 -0.15 1.56
C SER A 138 -19.52 -1.44 1.61
N ASN A 139 -19.91 -2.29 2.54
CA ASN A 139 -19.24 -3.55 2.83
C ASN A 139 -19.71 -4.73 2.01
N GLY A 140 -20.88 -4.63 1.39
CA GLY A 140 -21.51 -5.80 0.79
C GLY A 140 -20.93 -6.18 -0.56
N SER A 141 -21.17 -7.43 -0.92
CA SER A 141 -20.82 -7.92 -2.24
CA SER A 141 -20.80 -7.92 -2.25
C SER A 141 -21.42 -7.03 -3.33
N GLY A 142 -20.62 -6.70 -4.33
CA GLY A 142 -21.07 -5.88 -5.44
C GLY A 142 -20.85 -4.39 -5.25
N SER A 143 -20.24 -3.98 -4.14
CA SER A 143 -19.96 -2.57 -3.90
C SER A 143 -18.94 -2.02 -4.90
N SER A 144 -19.02 -0.72 -5.14
CA SER A 144 -18.05 -0.08 -6.03
CA SER A 144 -18.12 0.02 -6.01
C SER A 144 -16.85 0.46 -5.30
N ILE A 145 -15.82 0.78 -6.09
CA ILE A 145 -14.68 1.52 -5.60
CA ILE A 145 -14.61 1.49 -5.67
C ILE A 145 -14.88 2.98 -5.94
N HIS A 146 -14.61 3.83 -4.96
CA HIS A 146 -14.70 5.28 -5.10
C HIS A 146 -13.33 5.90 -4.99
N GLU A 147 -13.21 7.09 -5.58
CA GLU A 147 -11.93 7.81 -5.67
C GLU A 147 -12.09 9.21 -5.11
N TYR A 148 -11.12 9.64 -4.30
CA TYR A 148 -11.01 11.06 -3.90
C TYR A 148 -9.72 11.62 -4.51
N VAL A 149 -9.78 12.89 -4.92
CA VAL A 149 -8.82 13.48 -5.83
C VAL A 149 -8.18 14.73 -5.20
N TRP A 150 -6.85 14.79 -5.20
CA TRP A 150 -6.13 16.04 -4.88
CA TRP A 150 -6.16 16.05 -4.88
C TRP A 150 -5.30 16.44 -6.07
N SER A 151 -5.72 17.50 -6.75
CA SER A 151 -4.86 18.17 -7.75
C SER A 151 -4.97 19.67 -7.47
N GLY A 152 -4.78 20.03 -6.20
CA GLY A 152 -4.82 21.41 -5.68
C GLY A 152 -5.79 21.59 -4.53
N LYS A 153 -6.83 20.76 -4.50
CA LYS A 153 -7.91 20.80 -3.51
CA LYS A 153 -7.81 20.74 -3.43
C LYS A 153 -8.50 19.39 -3.52
N TRP A 154 -9.08 18.94 -2.43
CA TRP A 154 -9.76 17.63 -2.43
C TRP A 154 -11.13 17.73 -3.09
N THR A 155 -11.42 16.80 -4.00
CA THR A 155 -12.77 16.67 -4.54
CA THR A 155 -12.71 16.70 -4.70
C THR A 155 -13.01 15.22 -4.94
N ALA A 156 -14.28 14.88 -5.10
CA ALA A 156 -14.64 13.53 -5.47
C ALA A 156 -14.21 13.25 -6.91
N GLY A 157 -13.85 11.98 -7.15
CA GLY A 157 -13.56 11.50 -8.48
C GLY A 157 -14.54 10.43 -8.92
N ALA A 158 -14.00 9.37 -9.50
CA ALA A 158 -14.79 8.33 -10.14
C ALA A 158 -15.33 7.29 -9.15
N SER A 159 -16.27 6.50 -9.65
CA SER A 159 -16.61 5.25 -9.00
CA SER A 159 -16.79 5.29 -8.99
C SER A 159 -16.79 4.19 -10.05
N PHE A 160 -16.34 2.98 -9.73
CA PHE A 160 -16.28 1.89 -10.69
C PHE A 160 -16.15 0.55 -10.00
N GLY A 161 -16.48 -0.51 -10.73
CA GLY A 161 -16.27 -1.85 -10.26
C GLY A 161 -17.42 -2.40 -9.46
N SER A 162 -17.41 -3.73 -9.34
CA SER A 162 -18.35 -4.45 -8.50
C SER A 162 -17.56 -5.56 -7.80
N THR A 163 -17.38 -5.47 -6.49
CA THR A 163 -16.28 -6.17 -5.84
C THR A 163 -16.74 -7.20 -4.83
N VAL A 164 -15.83 -8.09 -4.46
CA VAL A 164 -16.03 -8.90 -3.26
C VAL A 164 -16.15 -7.95 -2.05
N PRO A 165 -16.81 -8.40 -0.97
CA PRO A 165 -16.90 -7.58 0.23
C PRO A 165 -15.52 -7.14 0.73
N GLY A 166 -15.33 -5.85 0.96
CA GLY A 166 -14.04 -5.36 1.48
C GLY A 166 -12.83 -5.77 0.66
N THR A 167 -12.97 -5.73 -0.67
CA THR A 167 -11.89 -6.12 -1.58
C THR A 167 -10.56 -5.45 -1.25
N GLY A 168 -9.50 -6.20 -1.51
CA GLY A 168 -8.21 -5.56 -1.65
C GLY A 168 -8.23 -4.58 -2.81
N ILE A 169 -7.37 -3.58 -2.74
CA ILE A 169 -7.26 -2.56 -3.80
C ILE A 169 -5.78 -2.24 -3.95
N GLY A 170 -5.29 -2.35 -5.20
CA GLY A 170 -3.94 -1.90 -5.55
C GLY A 170 -4.08 -0.68 -6.45
N ALA A 171 -3.20 0.31 -6.32
CA ALA A 171 -3.29 1.51 -7.13
C ALA A 171 -1.90 1.99 -7.49
N THR A 172 -1.64 2.24 -8.77
CA THR A 172 -0.34 2.74 -9.17
C THR A 172 -0.45 3.69 -10.34
N ALA A 173 0.38 4.74 -10.31
CA ALA A 173 0.50 5.67 -11.43
C ALA A 173 1.62 5.13 -12.32
N ILE A 174 1.24 4.56 -13.44
CA ILE A 174 2.19 3.91 -14.35
C ILE A 174 2.92 4.90 -15.25
N GLY A 175 2.48 6.14 -15.25
CA GLY A 175 3.10 7.23 -16.00
C GLY A 175 2.40 8.50 -15.59
N PRO A 176 2.82 9.65 -16.14
CA PRO A 176 2.19 10.90 -15.73
C PRO A 176 0.70 10.93 -16.04
N GLY A 177 -0.13 10.98 -15.02
CA GLY A 177 -1.57 10.99 -15.19
C GLY A 177 -2.14 9.71 -15.78
N ARG A 178 -1.41 8.60 -15.67
CA ARG A 178 -1.83 7.33 -16.22
CA ARG A 178 -1.84 7.31 -16.21
C ARG A 178 -1.95 6.34 -15.05
N LEU A 179 -3.17 5.87 -14.79
CA LEU A 179 -3.48 5.16 -13.54
C LEU A 179 -3.95 3.76 -13.81
N ARG A 180 -3.55 2.82 -12.95
CA ARG A 180 -4.08 1.46 -13.00
C ARG A 180 -4.49 1.03 -11.60
N ILE A 181 -5.72 0.55 -11.50
CA ILE A 181 -6.32 0.16 -10.23
C ILE A 181 -6.71 -1.31 -10.33
N TYR A 182 -6.32 -2.09 -9.32
CA TYR A 182 -6.55 -3.55 -9.28
C TYR A 182 -7.43 -3.87 -8.09
N TYR A 183 -8.41 -4.74 -8.30
CA TYR A 183 -9.37 -5.09 -7.25
C TYR A 183 -9.92 -6.48 -7.54
N GLN A 184 -10.62 -7.06 -6.59
CA GLN A 184 -11.18 -8.40 -6.77
C GLN A 184 -12.67 -8.27 -6.98
N ALA A 185 -13.10 -8.67 -8.18
CA ALA A 185 -14.52 -8.64 -8.56
C ALA A 185 -15.29 -9.79 -7.96
N THR A 186 -16.62 -9.73 -8.09
CA THR A 186 -17.50 -10.71 -7.45
C THR A 186 -17.32 -12.13 -7.95
N ASP A 187 -16.70 -12.35 -9.10
CA ASP A 187 -16.34 -13.70 -9.56
C ASP A 187 -14.98 -14.18 -9.03
N ASN A 188 -14.41 -13.45 -8.05
CA ASN A 188 -13.10 -13.71 -7.46
C ASN A 188 -11.91 -13.48 -8.37
N LYS A 189 -12.16 -12.93 -9.57
CA LYS A 189 -11.06 -12.55 -10.42
CA LYS A 189 -11.09 -12.53 -10.46
C LYS A 189 -10.56 -11.16 -10.03
N ILE A 190 -9.25 -11.04 -9.98
CA ILE A 190 -8.66 -9.71 -9.93
CA ILE A 190 -8.56 -9.75 -9.95
C ILE A 190 -8.85 -9.08 -11.31
N ARG A 191 -9.30 -7.83 -11.30
CA ARG A 191 -9.59 -7.07 -12.51
C ARG A 191 -8.85 -5.74 -12.42
N GLU A 192 -8.89 -4.99 -13.51
CA GLU A 192 -8.08 -3.79 -13.68
C GLU A 192 -8.94 -2.69 -14.27
N HIS A 193 -8.82 -1.48 -13.72
CA HIS A 193 -9.48 -0.29 -14.28
C HIS A 193 -8.39 0.71 -14.61
N CYS A 194 -8.55 1.41 -15.73
CA CYS A 194 -7.48 2.19 -16.34
C CYS A 194 -7.89 3.61 -16.66
N TRP A 195 -6.98 4.55 -16.44
CA TRP A 195 -7.12 5.93 -16.93
C TRP A 195 -5.84 6.27 -17.66
N ASP A 196 -5.96 6.67 -18.93
CA ASP A 196 -4.81 7.16 -19.70
C ASP A 196 -4.84 8.67 -19.94
N SER A 197 -6.00 9.25 -20.19
CA SER A 197 -6.06 10.67 -20.56
C SER A 197 -7.32 11.36 -20.10
N ASN A 198 -8.49 10.86 -20.52
CA ASN A 198 -9.76 11.55 -20.26
CA ASN A 198 -9.77 11.55 -20.31
C ASN A 198 -10.94 10.66 -19.86
N SER A 199 -10.69 9.39 -19.56
CA SER A 199 -11.77 8.47 -19.25
C SER A 199 -11.22 7.22 -18.57
N TRP A 200 -12.08 6.57 -17.78
CA TRP A 200 -11.78 5.26 -17.22
C TRP A 200 -12.26 4.17 -18.17
N TYR A 201 -11.48 3.10 -18.29
CA TYR A 201 -11.89 1.95 -19.09
C TYR A 201 -11.42 0.65 -18.44
N VAL A 202 -12.11 -0.43 -18.77
CA VAL A 202 -11.78 -1.74 -18.22
C VAL A 202 -10.49 -2.26 -18.87
N GLY A 203 -9.52 -2.64 -18.06
CA GLY A 203 -8.24 -3.12 -18.55
C GLY A 203 -8.26 -4.58 -18.95
N GLY A 204 -7.19 -4.98 -19.62
CA GLY A 204 -7.08 -6.34 -20.11
C GLY A 204 -6.60 -7.36 -19.07
N PHE A 205 -6.07 -6.91 -17.94
CA PHE A 205 -5.54 -7.85 -16.95
C PHE A 205 -6.67 -8.54 -16.20
N SER A 206 -6.55 -9.87 -16.03
CA SER A 206 -7.38 -10.55 -15.03
C SER A 206 -6.68 -11.79 -14.53
N ALA A 207 -7.02 -12.22 -13.33
CA ALA A 207 -6.42 -13.41 -12.74
C ALA A 207 -7.30 -13.98 -11.65
N SER A 208 -7.54 -15.28 -11.66
CA SER A 208 -8.24 -15.94 -10.57
CA SER A 208 -8.26 -15.91 -10.57
C SER A 208 -7.41 -15.89 -9.29
N ALA A 209 -8.07 -15.65 -8.17
CA ALA A 209 -7.40 -15.63 -6.87
C ALA A 209 -8.36 -16.11 -5.80
N SER A 210 -7.80 -16.59 -4.68
CA SER A 210 -8.60 -16.94 -3.52
C SER A 210 -9.50 -15.77 -3.11
N ALA A 211 -10.71 -16.06 -2.67
CA ALA A 211 -11.60 -15.02 -2.21
C ALA A 211 -10.97 -14.23 -1.06
N GLY A 212 -10.95 -12.91 -1.18
CA GLY A 212 -10.50 -12.04 -0.08
C GLY A 212 -9.02 -11.77 -0.02
N VAL A 213 -8.26 -12.00 -1.10
CA VAL A 213 -6.83 -11.70 -1.08
C VAL A 213 -6.55 -10.22 -0.83
N SER A 214 -5.45 -9.96 -0.13
CA SER A 214 -4.86 -8.63 -0.01
C SER A 214 -4.06 -8.34 -1.27
N ILE A 215 -4.23 -7.15 -1.84
CA ILE A 215 -3.69 -6.78 -3.14
C ILE A 215 -2.78 -5.56 -3.02
N ALA A 216 -1.68 -5.54 -3.78
CA ALA A 216 -0.84 -4.36 -3.88
C ALA A 216 -0.35 -4.25 -5.32
N ALA A 217 0.04 -3.06 -5.76
CA ALA A 217 0.54 -2.90 -7.13
C ALA A 217 1.58 -1.81 -7.17
N ILE A 218 2.60 -2.02 -8.00
CA ILE A 218 3.68 -1.07 -8.24
CA ILE A 218 3.65 -1.03 -8.23
C ILE A 218 3.95 -0.97 -9.73
N SER A 219 4.67 0.07 -10.12
CA SER A 219 5.05 0.23 -11.53
C SER A 219 6.24 1.15 -11.62
N TRP A 220 6.98 1.06 -12.72
CA TRP A 220 8.10 1.94 -13.00
C TRP A 220 8.44 1.88 -14.48
N GLY A 221 9.28 2.83 -14.90
CA GLY A 221 9.91 2.75 -16.21
C GLY A 221 9.08 3.28 -17.35
N SER A 222 9.47 2.88 -18.56
CA SER A 222 8.95 3.43 -19.80
C SER A 222 8.01 2.52 -20.55
N THR A 223 8.10 1.21 -20.35
CA THR A 223 7.19 0.29 -21.01
C THR A 223 5.71 0.60 -20.75
N PRO A 224 5.27 0.80 -19.51
CA PRO A 224 5.99 0.64 -18.25
C PRO A 224 5.93 -0.79 -17.74
N GLN A 225 6.80 -1.08 -16.77
CA GLN A 225 6.70 -2.32 -16.02
C GLN A 225 5.64 -2.16 -14.93
N ILE A 226 4.77 -3.17 -14.78
CA ILE A 226 3.77 -3.19 -13.71
C ILE A 226 3.92 -4.51 -12.99
N ARG A 227 3.80 -4.50 -11.65
CA ARG A 227 3.73 -5.75 -10.88
C ARG A 227 2.52 -5.67 -9.97
N VAL A 228 1.70 -6.71 -10.00
CA VAL A 228 0.51 -6.79 -9.14
C VAL A 228 0.74 -7.98 -8.21
N TYR A 229 0.59 -7.74 -6.90
CA TYR A 229 0.78 -8.74 -5.87
C TYR A 229 -0.52 -9.08 -5.20
N TRP A 230 -0.70 -10.35 -4.85
CA TRP A 230 -1.83 -10.69 -4.00
C TRP A 230 -1.48 -11.85 -3.10
N GLN A 231 -2.13 -11.89 -1.94
CA GLN A 231 -1.85 -12.92 -0.95
C GLN A 231 -3.02 -13.06 -0.01
N LYS A 232 -3.46 -14.31 0.18
CA LYS A 232 -4.33 -14.65 1.29
CA LYS A 232 -4.34 -14.68 1.28
C LYS A 232 -3.45 -15.10 2.45
N GLY A 233 -3.80 -14.70 3.67
CA GLY A 233 -2.97 -15.07 4.81
C GLY A 233 -2.79 -16.57 4.92
N ARG A 234 -1.55 -16.99 5.18
CA ARG A 234 -1.13 -18.41 5.24
CA ARG A 234 -1.16 -18.41 5.25
C ARG A 234 -1.30 -19.13 3.90
N GLU A 235 -1.24 -18.36 2.81
CA GLU A 235 -1.04 -18.90 1.47
CA GLU A 235 -1.04 -18.90 1.46
C GLU A 235 0.15 -18.17 0.87
N GLU A 236 0.69 -18.68 -0.23
CA GLU A 236 1.85 -18.03 -0.82
C GLU A 236 1.47 -16.73 -1.56
N LEU A 237 2.43 -15.83 -1.60
CA LEU A 237 2.34 -14.59 -2.35
C LEU A 237 2.35 -14.89 -3.85
N TYR A 238 1.52 -14.17 -4.61
CA TYR A 238 1.49 -14.23 -6.07
CA TYR A 238 1.48 -14.24 -6.06
C TYR A 238 1.91 -12.91 -6.65
N GLU A 239 2.58 -12.97 -7.81
CA GLU A 239 2.89 -11.79 -8.61
C GLU A 239 2.45 -12.01 -10.04
N ALA A 240 1.80 -11.01 -10.63
CA ALA A 240 1.61 -10.92 -12.08
C ALA A 240 2.45 -9.77 -12.59
N ALA A 241 3.14 -9.97 -13.72
CA ALA A 241 4.07 -9.00 -14.25
C ALA A 241 3.69 -8.57 -15.66
N TYR A 242 3.67 -7.26 -15.89
CA TYR A 242 3.46 -6.67 -17.21
C TYR A 242 4.75 -6.05 -17.68
N GLY A 243 5.16 -6.42 -18.90
CA GLY A 243 6.32 -5.81 -19.58
C GLY A 243 6.02 -5.52 -21.02
N GLY A 244 4.75 -5.23 -21.31
CA GLY A 244 4.21 -5.08 -22.67
C GLY A 244 3.06 -6.03 -22.87
N SER A 245 3.15 -7.17 -22.20
CA SER A 245 2.03 -8.10 -22.05
CA SER A 245 2.08 -8.15 -22.08
C SER A 245 2.10 -8.65 -20.64
N TRP A 246 0.99 -9.25 -20.20
CA TRP A 246 0.95 -9.88 -18.88
C TRP A 246 1.45 -11.31 -18.96
N ASN A 247 2.24 -11.71 -17.97
CA ASN A 247 2.68 -13.09 -17.86
CA ASN A 247 2.68 -13.10 -17.84
C ASN A 247 1.63 -13.93 -17.12
N THR A 248 1.90 -15.22 -16.97
CA THR A 248 1.09 -16.05 -16.11
C THR A 248 1.51 -15.76 -14.66
N PRO A 249 0.57 -15.51 -13.76
CA PRO A 249 1.00 -15.21 -12.38
C PRO A 249 1.81 -16.36 -11.79
N GLY A 250 2.78 -16.03 -10.94
CA GLY A 250 3.60 -17.03 -10.29
C GLY A 250 3.73 -16.75 -8.80
N GLN A 251 3.96 -17.81 -8.04
CA GLN A 251 4.18 -17.69 -6.61
CA GLN A 251 4.17 -17.68 -6.61
C GLN A 251 5.59 -17.21 -6.31
N ILE A 252 5.71 -16.35 -5.31
CA ILE A 252 6.97 -15.94 -4.72
C ILE A 252 7.04 -16.69 -3.40
N LYS A 253 7.95 -17.66 -3.29
CA LYS A 253 7.96 -18.55 -2.15
C LYS A 253 9.37 -19.09 -1.88
N ASP A 254 9.50 -19.66 -0.69
CA ASP A 254 10.74 -20.22 -0.16
C ASP A 254 10.37 -21.60 0.34
N ALA A 255 10.93 -22.63 -0.28
CA ALA A 255 10.58 -24.02 0.09
C ALA A 255 10.88 -24.36 1.55
N SER A 256 11.85 -23.68 2.16
CA SER A 256 12.20 -23.90 3.56
CA SER A 256 12.20 -23.89 3.56
C SER A 256 11.27 -23.16 4.53
N ARG A 257 10.48 -22.21 4.02
CA ARG A 257 9.57 -21.40 4.83
C ARG A 257 8.23 -21.29 4.12
N PRO A 258 7.49 -22.40 4.02
CA PRO A 258 6.21 -22.34 3.32
C PRO A 258 5.21 -21.41 3.99
N THR A 259 4.39 -20.79 3.15
CA THR A 259 3.25 -19.95 3.54
C THR A 259 3.52 -19.18 4.84
N PRO A 260 4.52 -18.28 4.83
CA PRO A 260 5.04 -17.73 6.09
C PRO A 260 4.16 -16.71 6.81
N SER A 261 3.08 -16.23 6.18
CA SER A 261 2.20 -15.26 6.84
C SER A 261 1.17 -15.96 7.70
N LEU A 262 0.61 -15.22 8.65
CA LEU A 262 -0.48 -15.72 9.47
C LEU A 262 -1.82 -15.61 8.72
N PRO A 263 -2.82 -16.40 9.15
CA PRO A 263 -4.16 -16.26 8.56
C PRO A 263 -4.72 -14.83 8.67
N ASP A 264 -5.46 -14.42 7.64
CA ASP A 264 -6.28 -13.20 7.65
CA ASP A 264 -6.29 -13.20 7.71
C ASP A 264 -5.47 -11.91 7.74
N THR A 265 -4.19 -11.96 7.34
CA THR A 265 -3.30 -10.83 7.38
C THR A 265 -3.19 -10.15 6.01
N PHE A 266 -2.50 -9.02 5.99
CA PHE A 266 -2.43 -8.14 4.82
C PHE A 266 -1.01 -7.99 4.31
N ILE A 267 -0.89 -7.48 3.09
CA ILE A 267 0.40 -7.17 2.50
C ILE A 267 0.46 -5.69 2.12
N ALA A 268 1.66 -5.22 1.83
CA ALA A 268 1.88 -3.91 1.19
C ALA A 268 3.15 -4.00 0.37
N ALA A 269 3.26 -3.18 -0.66
CA ALA A 269 4.46 -3.18 -1.49
C ALA A 269 4.97 -1.77 -1.66
N ASN A 270 6.29 -1.65 -1.79
CA ASN A 270 6.90 -0.41 -2.24
C ASN A 270 7.88 -0.72 -3.38
N SER A 271 8.32 0.35 -4.03
CA SER A 271 9.34 0.24 -5.05
C SER A 271 9.96 1.59 -5.29
N SER A 272 11.21 1.57 -5.76
CA SER A 272 11.89 2.77 -6.26
C SER A 272 13.11 2.33 -7.03
N GLY A 273 13.75 3.28 -7.71
CA GLY A 273 14.91 2.94 -8.53
C GLY A 273 14.50 2.12 -9.75
N ASN A 274 15.39 1.23 -10.15
CA ASN A 274 15.15 0.42 -11.35
C ASN A 274 15.88 -0.91 -11.25
N ILE A 275 15.44 -1.81 -10.36
CA ILE A 275 14.27 -1.65 -9.48
C ILE A 275 14.54 -2.32 -8.14
N ASP A 276 14.07 -1.69 -7.08
CA ASP A 276 14.09 -2.25 -5.73
C ASP A 276 12.63 -2.43 -5.33
N ILE A 277 12.28 -3.62 -4.82
CA ILE A 277 10.90 -3.94 -4.43
C ILE A 277 10.89 -4.61 -3.07
N SER A 278 10.00 -4.13 -2.18
CA SER A 278 9.70 -4.82 -0.93
C SER A 278 8.23 -5.18 -0.88
N VAL A 279 7.91 -6.41 -0.45
CA VAL A 279 6.51 -6.80 -0.22
C VAL A 279 6.41 -7.27 1.22
N PHE A 280 5.73 -6.47 2.05
CA PHE A 280 5.62 -6.71 3.49
C PHE A 280 4.47 -7.64 3.82
N PHE A 281 4.65 -8.42 4.88
CA PHE A 281 3.62 -9.34 5.36
C PHE A 281 3.74 -9.50 6.88
N GLN A 282 2.70 -10.09 7.47
CA GLN A 282 2.66 -10.29 8.91
C GLN A 282 2.72 -11.77 9.24
N ALA A 283 3.64 -12.11 10.15
CA ALA A 283 3.95 -13.50 10.49
C ALA A 283 3.92 -13.68 12.01
N SER A 284 4.09 -14.93 12.45
CA SER A 284 4.18 -15.21 13.89
CA SER A 284 4.22 -15.26 13.88
C SER A 284 5.27 -14.34 14.51
N GLY A 285 5.03 -13.95 15.76
CA GLY A 285 5.95 -13.08 16.46
C GLY A 285 5.27 -12.21 17.48
N VAL A 286 4.31 -11.38 17.13
CA VAL A 286 3.79 -11.09 15.79
C VAL A 286 4.79 -10.17 15.06
N SER A 287 5.26 -10.60 13.88
CA SER A 287 6.38 -9.93 13.24
C SER A 287 5.99 -9.29 11.90
N LEU A 288 6.70 -8.23 11.56
CA LEU A 288 6.61 -7.57 10.29
C LEU A 288 7.79 -8.01 9.45
N GLN A 289 7.49 -8.74 8.39
CA GLN A 289 8.45 -9.41 7.49
CA GLN A 289 8.52 -9.30 7.54
C GLN A 289 8.36 -8.78 6.12
N GLN A 290 9.34 -9.05 5.26
CA GLN A 290 9.20 -8.70 3.86
CA GLN A 290 9.20 -8.67 3.85
C GLN A 290 9.93 -9.62 2.92
N TRP A 291 9.35 -9.76 1.75
CA TRP A 291 10.02 -10.28 0.58
C TRP A 291 10.79 -9.14 -0.07
N GLN A 292 11.95 -9.46 -0.64
CA GLN A 292 12.77 -8.48 -1.33
C GLN A 292 13.22 -9.08 -2.65
N TRP A 293 13.24 -8.24 -3.69
CA TRP A 293 13.72 -8.60 -5.01
CA TRP A 293 13.76 -8.68 -5.00
C TRP A 293 15.11 -8.03 -5.23
N ILE A 294 16.00 -8.90 -5.74
N ILE A 294 16.15 -8.82 -5.49
CA ILE A 294 17.35 -8.56 -6.19
CA ILE A 294 17.45 -8.20 -5.82
C ILE A 294 17.64 -9.18 -7.58
C ILE A 294 17.95 -8.76 -7.13
N SER A 295 17.94 -8.34 -8.57
N SER A 295 18.22 -7.84 -8.06
CA SER A 295 18.21 -8.83 -9.92
CA SER A 295 18.66 -8.21 -9.39
C SER A 295 19.42 -9.72 -9.90
C SER A 295 19.87 -9.13 -9.28
N GLY A 296 19.28 -10.94 -10.40
N GLY A 296 19.80 -10.26 -9.98
CA GLY A 296 20.39 -11.87 -10.39
CA GLY A 296 20.86 -11.27 -9.93
C GLY A 296 20.59 -12.60 -9.07
C GLY A 296 20.48 -12.54 -9.16
N LYS A 297 19.75 -12.35 -8.07
CA LYS A 297 19.48 -13.33 -7.02
C LYS A 297 18.04 -13.83 -7.02
N GLY A 298 17.08 -12.94 -7.28
CA GLY A 298 15.67 -13.25 -7.23
C GLY A 298 15.05 -12.75 -5.92
N TRP A 299 14.01 -13.46 -5.50
CA TRP A 299 13.24 -13.12 -4.31
C TRP A 299 13.72 -13.88 -3.08
N SER A 300 13.73 -13.21 -1.94
CA SER A 300 14.05 -13.84 -0.66
C SER A 300 13.34 -13.09 0.45
N ILE A 301 13.23 -13.74 1.60
CA ILE A 301 12.71 -13.08 2.81
C ILE A 301 13.86 -12.30 3.43
N GLY A 302 13.67 -11.00 3.64
CA GLY A 302 14.70 -10.10 4.15
C GLY A 302 14.69 -9.93 5.66
N ALA A 303 15.35 -8.86 6.10
CA ALA A 303 15.48 -8.56 7.52
C ALA A 303 14.13 -8.24 8.15
N VAL A 304 13.95 -8.66 9.39
CA VAL A 304 12.68 -8.41 10.11
C VAL A 304 12.60 -6.95 10.52
N VAL A 305 11.41 -6.35 10.40
CA VAL A 305 11.21 -4.96 10.77
C VAL A 305 10.78 -4.91 12.23
N PRO A 306 11.42 -4.08 13.08
CA PRO A 306 11.03 -4.01 14.49
C PRO A 306 9.65 -3.36 14.66
N THR A 307 8.88 -3.90 15.60
CA THR A 307 7.53 -3.44 15.87
C THR A 307 7.26 -3.38 17.38
N GLY A 308 8.29 -3.04 18.16
CA GLY A 308 8.15 -2.81 19.59
C GLY A 308 8.20 -4.08 20.41
N THR A 309 8.41 -3.89 21.71
CA THR A 309 8.39 -4.98 22.68
C THR A 309 7.60 -4.49 23.89
N PRO A 310 6.51 -5.21 24.26
CA PRO A 310 5.73 -4.77 25.41
CA PRO A 310 5.74 -4.75 25.42
C PRO A 310 6.53 -4.82 26.72
N ALA A 311 6.14 -3.98 27.66
CA ALA A 311 6.73 -4.01 29.00
C ALA A 311 6.55 -5.41 29.62
N GLY A 312 7.58 -5.85 30.32
CA GLY A 312 7.59 -7.16 30.92
C GLY A 312 8.18 -8.25 30.06
N TRP A 313 8.72 -7.86 28.90
CA TRP A 313 9.32 -8.78 27.96
C TRP A 313 10.63 -8.17 27.47
N LEU A 314 11.53 -9.00 26.97
CA LEU A 314 12.79 -8.50 26.37
C LEU A 314 12.80 -8.77 24.88
C1 MFU B . 12.77 10.61 9.06
C2 MFU B . 11.65 10.02 9.91
C3 MFU B . 10.32 10.75 9.63
C4 MFU B . 10.03 10.76 8.14
C5 MFU B . 11.21 11.37 7.40
C6 MFU B . 11.06 11.37 5.89
O1 MFU B . 13.02 11.94 9.52
O2 MFU B . 11.98 10.14 11.31
O3 MFU B . 9.26 10.15 10.39
O4 MFU B . 9.85 9.43 7.65
O5 MFU B . 12.39 10.60 7.69
CM MFU B . 14.27 12.48 9.06
C1 GOL C . 8.29 8.54 13.38
O1 GOL C . 9.45 7.86 13.83
C2 GOL C . 8.28 10.02 13.74
O2 GOL C . 9.41 10.75 13.22
C3 GOL C . 8.20 10.23 15.24
O3 GOL C . 8.12 11.64 15.54
C1 MFU D . -1.41 19.08 2.46
C2 MFU D . -2.55 18.24 3.03
C3 MFU D . -3.56 17.92 1.94
C4 MFU D . -2.86 17.25 0.76
C5 MFU D . -1.79 18.19 0.25
C6 MFU D . -1.00 17.64 -0.92
O1 MFU D . -1.95 20.36 2.13
O2 MFU D . -3.20 18.92 4.13
O3 MFU D . -4.65 17.14 2.48
O4 MFU D . -2.22 16.03 1.15
O5 MFU D . -0.84 18.46 1.30
CM MFU D . -0.95 21.30 1.72
C1 MFU E . -9.42 13.41 -12.53
C2 MFU E . -10.38 12.40 -11.88
C3 MFU E . -10.26 11.06 -12.63
C4 MFU E . -8.79 10.60 -12.63
C5 MFU E . -7.97 11.68 -13.31
C6 MFU E . -6.51 11.32 -13.42
O1 MFU E . -9.90 13.71 -13.84
O2 MFU E . -11.73 12.91 -11.94
O3 MFU E . -11.13 10.08 -12.05
O4 MFU E . -8.28 10.43 -11.28
O5 MFU E . -8.08 12.91 -12.58
CM MFU E . -9.14 14.74 -14.50
C1 MFU F . -3.77 -1.28 -21.04
C2 MFU F . -4.32 -2.40 -20.16
C3 MFU F . -3.19 -3.38 -19.80
C4 MFU F . -2.05 -2.59 -19.14
C5 MFU F . -1.55 -1.54 -20.11
C6 MFU F . -0.42 -0.69 -19.56
O1 MFU F . -3.41 -1.87 -22.30
O2 MFU F . -5.41 -3.04 -20.82
O3 MFU F . -3.69 -4.43 -18.97
O4 MFU F . -2.48 -1.92 -17.94
O5 MFU F . -2.63 -0.65 -20.43
CM MFU F . -3.11 -0.86 -23.27
C1 MFU G . 10.83 -9.86 -13.24
C2 MFU G . 9.88 -10.73 -12.40
C3 MFU G . 10.28 -10.70 -10.93
C4 MFU G . 10.39 -9.25 -10.44
C5 MFU G . 11.33 -8.48 -11.35
C6 MFU G . 11.53 -7.03 -10.96
O1 MFU G . 12.14 -10.48 -13.22
O2 MFU G . 9.95 -12.08 -12.86
O3 MFU G . 9.37 -11.46 -10.15
O4 MFU G . 9.11 -8.58 -10.47
O5 MFU G . 10.88 -8.54 -12.70
CM MFU G . 13.11 -9.80 -14.03
C1 GOL H . 8.67 -14.70 -11.04
O1 GOL H . 9.63 -14.13 -10.14
C2 GOL H . 7.29 -14.68 -10.42
O2 GOL H . 6.32 -15.11 -11.37
C3 GOL H . 7.22 -15.60 -9.21
O3 GOL H . 7.22 -16.98 -9.62
C1 GOL I . -6.13 -11.76 3.37
O1 GOL I . -5.58 -12.54 4.45
C2 GOL I . -6.79 -10.50 3.88
O2 GOL I . -7.26 -9.74 2.75
C3 GOL I . -7.95 -10.75 4.83
O3 GOL I . -8.93 -11.59 4.25
#